data_6GFU
#
_entry.id   6GFU
#
_cell.length_a   56.944
_cell.length_b   73.691
_cell.length_c   113.756
_cell.angle_alpha   90.000
_cell.angle_beta   90.000
_cell.angle_gamma   90.000
#
_symmetry.space_group_name_H-M   'P 21 21 21'
#
loop_
_entity.id
_entity.type
_entity.pdbx_description
1 polymer 'Elongation Factor Tu'
2 non-polymer "GUANOSINE-5'-DIPHOSPHATE"
3 non-polymer 'MAGNESIUM ION'
4 water water
#
_entity_poly.entity_id   1
_entity_poly.type   'polypeptide(L)'
_entity_poly.pdbx_seq_one_letter_code
;MAKEKFERTKPHVNIGTIGHVDHGKTTLTAAITKVLAEKGGAEFKAYDQIDKAPEEKARGITISTAHVEYETENRHYAHV
DCPGHADYVKNMITGAAQMDGAILVVSAADGPMPQTREHILLARQVGVPYIVVFLNKVDMVDDPELLELVEMEVRELLSS
YDFPGDDIPIIKGSALKALEGDEIGEEAILKLMDAVDSYIPEPERAIDKPFLMPIEDVFSISGRGTVVTGRVERGIVKVG
EEVEIVGIRDTQKTTCTGVEMFRKLLDQGQAGDNVGVLLRGTKREDVERGQVLAKPGSIKPHTKFEAEVYILTKEEGGRH
TPFFNNYRPQFYFRTTDVTGVVTLPEGVEMVMPGDNVTITVELIAPIAMEEGLRFAIREGGRTVGAGVVSKIIEHHHHHH
;
_entity_poly.pdbx_strand_id   A
#
loop_
_chem_comp.id
_chem_comp.type
_chem_comp.name
_chem_comp.formula
GDP RNA linking GUANOSINE-5'-DIPHOSPHATE 'C10 H15 N5 O11 P2'
MG non-polymer 'MAGNESIUM ION' 'Mg 2'
#
# COMPACT_ATOMS: atom_id res chain seq x y z
N THR A 9 4.74 -22.70 9.32
CA THR A 9 4.21 -22.53 10.71
C THR A 9 3.90 -21.05 11.02
N LYS A 10 4.92 -20.16 11.04
CA LYS A 10 4.72 -18.77 11.55
C LYS A 10 4.05 -17.83 10.58
N PRO A 11 3.03 -17.07 11.04
CA PRO A 11 2.38 -16.08 10.16
C PRO A 11 3.35 -14.96 9.77
N HIS A 12 3.21 -14.51 8.53
CA HIS A 12 4.09 -13.58 7.92
C HIS A 12 3.45 -12.19 7.93
N VAL A 13 4.24 -11.15 8.23
CA VAL A 13 3.76 -9.79 8.26
C VAL A 13 4.78 -8.91 7.58
N ASN A 14 4.32 -7.99 6.76
CA ASN A 14 5.17 -6.99 6.12
C ASN A 14 5.09 -5.67 6.89
N ILE A 15 6.26 -5.14 7.22
CA ILE A 15 6.36 -3.85 7.91
C ILE A 15 7.53 -3.06 7.39
N GLY A 16 7.69 -1.84 7.89
CA GLY A 16 8.80 -0.98 7.55
C GLY A 16 8.94 0.12 8.56
N THR A 17 10.13 0.68 8.58
CA THR A 17 10.38 1.88 9.37
C THR A 17 10.13 3.10 8.55
N ILE A 18 9.32 4.02 9.07
CA ILE A 18 9.02 5.35 8.49
C ILE A 18 9.35 6.45 9.49
N GLY A 19 9.33 7.71 9.06
CA GLY A 19 9.80 8.82 9.85
C GLY A 19 10.80 9.69 9.12
N HIS A 20 11.08 10.79 9.79
CA HIS A 20 11.90 11.86 9.28
C HIS A 20 13.38 11.44 9.19
N VAL A 21 14.09 12.05 8.24
CA VAL A 21 15.46 11.71 7.94
C VAL A 21 16.30 12.00 9.19
N ASP A 22 17.23 11.12 9.50
CA ASP A 22 18.10 11.23 10.69
C ASP A 22 17.48 10.87 12.01
N HIS A 23 16.25 10.40 12.05
CA HIS A 23 15.62 10.10 13.35
C HIS A 23 16.01 8.70 13.87
N GLY A 24 16.59 7.88 13.00
CA GLY A 24 17.14 6.60 13.36
C GLY A 24 16.45 5.39 12.80
N LYS A 25 15.81 5.55 11.66
CA LYS A 25 15.16 4.44 11.01
C LYS A 25 16.09 3.25 10.71
N THR A 26 17.26 3.56 10.19
CA THR A 26 18.17 2.53 9.77
C THR A 26 18.85 1.91 10.98
N THR A 27 19.23 2.73 11.92
CA THR A 27 19.84 2.25 13.16
C THR A 27 18.88 1.32 13.85
N LEU A 28 17.62 1.74 13.96
CA LEU A 28 16.59 0.87 14.51
C LEU A 28 16.42 -0.43 13.75
N THR A 29 16.38 -0.36 12.41
CA THR A 29 16.26 -1.61 11.64
C THR A 29 17.43 -2.54 11.93
N ALA A 30 18.62 -2.01 11.90
CA ALA A 30 19.82 -2.78 12.22
C ALA A 30 19.69 -3.37 13.65
N ALA A 31 19.22 -2.58 14.62
CA ALA A 31 19.11 -3.07 15.98
C ALA A 31 18.11 -4.19 16.14
N ILE A 32 17.01 -4.10 15.42
CA ILE A 32 16.05 -5.18 15.41
C ILE A 32 16.68 -6.48 14.95
N THR A 33 17.41 -6.40 13.82
CA THR A 33 17.97 -7.64 13.26
C THR A 33 19.06 -8.17 14.21
N LYS A 34 19.78 -7.26 14.87
CA LYS A 34 20.82 -7.68 15.80
C LYS A 34 20.23 -8.38 17.03
N VAL A 35 19.29 -7.74 17.69
CA VAL A 35 18.73 -8.27 18.91
C VAL A 35 18.00 -9.61 18.62
N LEU A 36 17.24 -9.66 17.51
CA LEU A 36 16.61 -10.95 17.09
C LEU A 36 17.60 -12.02 16.62
N ALA A 37 18.68 -11.64 15.98
CA ALA A 37 19.78 -12.56 15.67
C ALA A 37 20.32 -13.17 16.93
N GLU A 38 20.52 -12.33 17.93
CA GLU A 38 20.98 -12.82 19.22
C GLU A 38 20.03 -13.73 19.96
N LYS A 39 18.73 -13.67 19.69
CA LYS A 39 17.79 -14.67 20.18
C LYS A 39 17.59 -15.82 19.19
N GLY A 40 18.43 -15.96 18.17
CA GLY A 40 18.25 -17.02 17.17
C GLY A 40 17.13 -16.86 16.10
N GLY A 41 16.68 -15.63 15.82
CA GLY A 41 15.61 -15.37 14.81
C GLY A 41 15.94 -14.50 13.64
N ALA A 42 17.22 -14.28 13.30
CA ALA A 42 17.62 -13.45 12.11
C ALA A 42 19.13 -13.51 11.87
N GLU A 43 19.55 -13.06 10.67
CA GLU A 43 20.94 -12.70 10.40
C GLU A 43 21.03 -11.21 10.73
N PHE A 44 22.09 -10.87 11.45
CA PHE A 44 22.36 -9.51 11.77
C PHE A 44 22.76 -8.82 10.45
N LYS A 45 22.08 -7.73 10.09
CA LYS A 45 22.49 -6.91 8.97
C LYS A 45 22.97 -5.65 9.62
N ALA A 46 24.22 -5.28 9.36
CA ALA A 46 24.78 -4.08 9.94
C ALA A 46 24.23 -2.81 9.29
N TYR A 47 24.39 -1.72 10.02
CA TYR A 47 23.92 -0.44 9.65
C TYR A 47 24.30 -0.08 8.21
N ASP A 48 25.57 -0.27 7.84
CA ASP A 48 26.05 0.16 6.49
C ASP A 48 25.40 -0.60 5.37
N GLN A 49 25.26 -1.90 5.55
CA GLN A 49 24.52 -2.74 4.62
C GLN A 49 23.09 -2.27 4.40
N ILE A 50 22.39 -1.85 5.46
CA ILE A 50 20.99 -1.43 5.34
C ILE A 50 20.92 -0.01 4.77
N ASP A 51 21.80 0.84 5.28
CA ASP A 51 21.85 2.22 4.85
C ASP A 51 22.21 2.35 3.38
N LYS A 52 23.12 1.51 2.87
CA LYS A 52 23.52 1.54 1.43
C LYS A 52 22.62 0.59 0.66
N ALA A 53 21.37 0.99 0.60
CA ALA A 53 20.29 0.22 0.10
C ALA A 53 20.39 0.16 -1.42
N PRO A 54 20.23 -1.02 -2.00
CA PRO A 54 20.17 -1.14 -3.48
C PRO A 54 19.10 -0.24 -4.10
N GLU A 55 19.42 0.38 -5.22
CA GLU A 55 18.42 1.04 -6.06
C GLU A 55 17.72 0.00 -6.92
N GLU A 56 16.39 -0.14 -6.88
CA GLU A 56 15.62 -1.01 -7.82
C GLU A 56 14.83 -0.13 -8.78
N LYS A 57 14.88 -0.49 -10.05
CA LYS A 57 14.32 0.28 -11.16
C LYS A 57 13.24 -0.61 -11.69
N ALA A 58 12.04 -0.08 -11.70
CA ALA A 58 10.90 -0.77 -12.22
C ALA A 58 9.93 0.32 -12.78
N ARG A 59 9.33 0.05 -13.95
CA ARG A 59 8.37 0.95 -14.60
C ARG A 59 8.90 2.42 -14.76
N GLY A 60 10.18 2.57 -15.11
CA GLY A 60 10.83 3.89 -15.20
C GLY A 60 11.35 4.50 -13.88
N ILE A 61 10.90 3.97 -12.74
CA ILE A 61 11.07 4.59 -11.44
C ILE A 61 12.10 3.86 -10.63
N THR A 62 13.12 4.59 -10.20
CA THR A 62 14.17 4.03 -9.34
C THR A 62 13.84 4.38 -7.89
N ILE A 63 13.92 3.37 -7.03
CA ILE A 63 13.63 3.49 -5.59
C ILE A 63 14.76 2.77 -4.87
N SER A 64 15.31 3.42 -3.85
CA SER A 64 16.22 2.74 -2.99
C SER A 64 15.46 2.21 -1.76
N THR A 65 15.53 0.87 -1.58
CA THR A 65 14.87 0.16 -0.51
C THR A 65 15.71 -0.94 0.07
N ALA A 66 15.94 -0.92 1.39
CA ALA A 66 16.56 -2.08 2.06
C ALA A 66 15.46 -3.06 2.50
N HIS A 67 15.73 -4.34 2.30
CA HIS A 67 14.84 -5.43 2.65
C HIS A 67 15.58 -6.27 3.64
N VAL A 68 14.94 -6.51 4.77
CA VAL A 68 15.52 -7.31 5.83
C VAL A 68 14.41 -8.27 6.30
N GLU A 69 14.79 -9.39 6.89
CA GLU A 69 13.83 -10.36 7.38
C GLU A 69 14.27 -10.82 8.75
N TYR A 70 13.32 -11.13 9.60
CA TYR A 70 13.63 -11.64 10.93
C TYR A 70 12.37 -12.26 11.50
N GLU A 71 12.51 -12.92 12.63
CA GLU A 71 11.37 -13.46 13.29
C GLU A 71 11.44 -13.34 14.74
N THR A 72 10.28 -13.15 15.34
CA THR A 72 10.12 -13.22 16.83
C THR A 72 9.66 -14.66 17.12
N GLU A 73 9.35 -14.99 18.38
CA GLU A 73 8.73 -16.26 18.77
C GLU A 73 7.46 -16.53 17.97
N ASN A 74 6.71 -15.49 17.69
CA ASN A 74 5.40 -15.61 17.11
C ASN A 74 5.31 -15.48 15.61
N ARG A 75 6.14 -14.65 15.01
CA ARG A 75 5.88 -14.25 13.65
C ARG A 75 7.09 -14.07 12.83
N HIS A 76 6.92 -14.14 11.51
CA HIS A 76 7.98 -13.87 10.54
C HIS A 76 7.70 -12.50 9.94
N TYR A 77 8.72 -11.67 9.83
CA TYR A 77 8.55 -10.32 9.27
C TYR A 77 9.45 -10.12 8.07
N ALA A 78 8.90 -9.43 7.08
CA ALA A 78 9.64 -8.75 6.01
C ALA A 78 9.61 -7.25 6.32
N HIS A 79 10.78 -6.64 6.37
CA HIS A 79 10.90 -5.27 6.81
C HIS A 79 11.59 -4.40 5.79
N VAL A 80 10.93 -3.31 5.42
CA VAL A 80 11.57 -2.30 4.57
C VAL A 80 12.00 -1.00 5.24
N ASP A 81 13.11 -0.48 4.72
CA ASP A 81 13.71 0.80 5.23
C ASP A 81 14.33 1.49 4.03
N CYS A 82 14.24 2.80 3.93
CA CYS A 82 14.67 3.55 2.75
C CYS A 82 15.47 4.74 3.16
N PRO A 83 16.48 5.11 2.36
CA PRO A 83 17.27 6.25 2.74
C PRO A 83 16.55 7.54 2.76
N GLY A 84 15.77 7.82 1.73
CA GLY A 84 15.23 9.16 1.52
C GLY A 84 13.70 9.23 1.56
N HIS A 85 13.22 10.39 1.95
CA HIS A 85 11.80 10.68 1.93
C HIS A 85 11.15 10.29 0.58
N ALA A 86 11.85 10.58 -0.51
CA ALA A 86 11.29 10.35 -1.85
C ALA A 86 11.11 8.86 -2.10
N ASP A 87 11.96 8.03 -1.50
CA ASP A 87 11.79 6.56 -1.64
C ASP A 87 10.51 6.07 -0.94
N TYR A 88 10.20 6.69 0.19
CA TYR A 88 8.97 6.36 0.92
C TYR A 88 7.78 6.76 0.13
N VAL A 89 7.83 7.97 -0.41
CA VAL A 89 6.70 8.47 -1.19
C VAL A 89 6.37 7.52 -2.28
N LYS A 90 7.40 7.16 -3.02
CA LYS A 90 7.22 6.32 -4.19
C LYS A 90 6.84 4.91 -3.86
N ASN A 91 7.46 4.33 -2.85
CA ASN A 91 7.10 2.95 -2.43
C ASN A 91 5.68 2.88 -1.93
N MET A 92 5.30 3.81 -1.07
CA MET A 92 4.01 3.72 -0.43
C MET A 92 2.87 3.96 -1.47
N ILE A 93 3.04 4.94 -2.36
CA ILE A 93 1.97 5.24 -3.31
C ILE A 93 1.94 4.15 -4.39
N THR A 94 3.08 3.84 -5.02
CA THR A 94 3.13 2.83 -6.10
C THR A 94 2.84 1.44 -5.60
N GLY A 95 3.02 1.20 -4.30
CA GLY A 95 2.83 -0.16 -3.73
C GLY A 95 4.05 -1.05 -4.02
N ALA A 96 5.17 -0.52 -4.49
CA ALA A 96 6.41 -1.30 -4.59
C ALA A 96 6.84 -1.87 -3.23
N ALA A 97 6.43 -1.23 -2.11
CA ALA A 97 6.49 -1.82 -0.79
C ALA A 97 5.11 -1.70 -0.12
N GLN A 98 4.61 -2.83 0.36
CA GLN A 98 3.35 -2.95 1.08
C GLN A 98 3.71 -3.09 2.56
N MET A 99 2.85 -2.55 3.39
CA MET A 99 3.05 -2.59 4.79
C MET A 99 1.72 -2.92 5.37
N ASP A 100 1.68 -4.04 6.09
CA ASP A 100 0.59 -4.39 7.01
C ASP A 100 0.64 -3.56 8.28
N GLY A 101 1.79 -2.96 8.55
CA GLY A 101 1.90 -2.01 9.63
C GLY A 101 3.20 -1.28 9.46
N ALA A 102 3.36 -0.18 10.14
CA ALA A 102 4.63 0.57 10.12
C ALA A 102 5.14 0.94 11.52
N ILE A 103 6.46 0.98 11.66
CA ILE A 103 7.10 1.48 12.85
C ILE A 103 7.52 2.90 12.53
N LEU A 104 6.85 3.85 13.17
CA LEU A 104 7.18 5.23 13.04
C LEU A 104 8.27 5.61 14.01
N VAL A 105 9.37 6.11 13.49
CA VAL A 105 10.53 6.47 14.33
C VAL A 105 10.54 7.97 14.48
N VAL A 106 10.62 8.44 15.71
CA VAL A 106 10.68 9.87 15.98
C VAL A 106 11.82 10.06 16.93
N SER A 107 12.68 11.03 16.64
CA SER A 107 13.76 11.37 17.52
C SER A 107 13.12 12.08 18.72
N ALA A 108 13.37 11.57 19.90
CA ALA A 108 12.89 12.25 21.12
C ALA A 108 13.54 13.65 21.36
N ALA A 109 14.71 13.90 20.80
CA ALA A 109 15.42 15.18 20.93
C ALA A 109 14.91 16.22 19.96
N ASP A 110 14.42 15.81 18.80
CA ASP A 110 13.89 16.74 17.82
C ASP A 110 12.39 16.87 17.91
N GLY A 111 11.68 15.80 18.27
CA GLY A 111 10.21 15.80 18.16
C GLY A 111 9.78 15.53 16.74
N PRO A 112 8.48 15.51 16.52
CA PRO A 112 8.02 15.36 15.15
C PRO A 112 8.50 16.46 14.19
N MET A 113 8.90 16.05 13.00
CA MET A 113 9.43 16.93 11.95
C MET A 113 8.58 16.78 10.67
N PRO A 114 8.84 17.62 9.64
CA PRO A 114 7.82 17.61 8.56
C PRO A 114 7.62 16.25 7.89
N GLN A 115 8.64 15.44 7.80
CA GLN A 115 8.41 14.13 7.19
C GLN A 115 7.76 13.17 8.18
N THR A 116 7.88 13.42 9.49
CA THR A 116 7.08 12.65 10.44
C THR A 116 5.62 12.81 10.05
N ARG A 117 5.19 14.06 9.88
CA ARG A 117 3.85 14.40 9.46
C ARG A 117 3.52 13.79 8.12
N GLU A 118 4.36 14.05 7.14
CA GLU A 118 4.10 13.52 5.79
C GLU A 118 3.99 12.02 5.74
N HIS A 119 4.79 11.29 6.54
CA HIS A 119 4.72 9.84 6.48
C HIS A 119 3.48 9.28 7.11
N ILE A 120 3.01 9.94 8.17
CA ILE A 120 1.76 9.58 8.78
C ILE A 120 0.63 9.85 7.80
N LEU A 121 0.64 11.02 7.19
CA LEU A 121 -0.40 11.36 6.20
C LEU A 121 -0.39 10.35 5.06
N LEU A 122 0.79 10.03 4.54
CA LEU A 122 0.91 8.96 3.53
C LEU A 122 0.39 7.61 3.99
N ALA A 123 0.78 7.18 5.21
CA ALA A 123 0.24 5.97 5.75
C ALA A 123 -1.26 5.98 5.74
N ARG A 124 -1.87 7.09 6.18
CA ARG A 124 -3.32 7.16 6.10
C ARG A 124 -3.78 7.04 4.62
N GLN A 125 -3.19 7.83 3.73
CA GLN A 125 -3.70 7.90 2.38
C GLN A 125 -3.62 6.57 1.62
N VAL A 126 -2.51 5.86 1.81
CA VAL A 126 -2.30 4.59 1.12
C VAL A 126 -2.84 3.37 1.87
N GLY A 127 -3.47 3.56 3.02
CA GLY A 127 -4.10 2.47 3.78
C GLY A 127 -3.15 1.62 4.66
N VAL A 128 -2.04 2.14 5.18
CA VAL A 128 -1.31 1.34 6.15
C VAL A 128 -2.21 1.19 7.39
N PRO A 129 -2.58 -0.04 7.76
CA PRO A 129 -3.68 -0.09 8.76
C PRO A 129 -3.27 0.19 10.24
N TYR A 130 -2.01 0.05 10.61
CA TYR A 130 -1.59 0.21 12.03
C TYR A 130 -0.21 0.81 12.10
N ILE A 131 0.02 1.58 13.17
CA ILE A 131 1.33 2.19 13.44
C ILE A 131 1.74 1.84 14.83
N VAL A 132 3.03 1.54 14.98
CA VAL A 132 3.65 1.45 16.33
C VAL A 132 4.77 2.49 16.25
N VAL A 133 5.00 3.20 17.35
CA VAL A 133 5.99 4.27 17.38
C VAL A 133 7.23 3.82 18.19
N PHE A 134 8.45 4.13 17.70
CA PHE A 134 9.64 4.03 18.50
C PHE A 134 10.15 5.45 18.64
N LEU A 135 10.11 5.94 19.88
CA LEU A 135 10.62 7.21 20.25
C LEU A 135 12.11 7.05 20.57
N ASN A 136 12.94 7.49 19.64
CA ASN A 136 14.30 7.14 19.61
C ASN A 136 15.15 8.25 20.20
N LYS A 137 16.42 7.95 20.45
CA LYS A 137 17.42 8.92 20.93
C LYS A 137 17.10 9.42 22.30
N VAL A 138 16.54 8.56 23.13
CA VAL A 138 16.26 8.97 24.48
C VAL A 138 17.52 9.15 25.31
N ASP A 139 18.64 8.58 24.88
CA ASP A 139 19.94 8.87 25.51
C ASP A 139 20.28 10.36 25.40
N MET A 140 19.64 11.11 24.50
CA MET A 140 19.89 12.55 24.37
C MET A 140 18.93 13.41 25.22
N VAL A 141 17.92 12.79 25.83
CA VAL A 141 16.92 13.51 26.58
C VAL A 141 16.99 13.03 28.04
N ASP A 142 17.51 13.87 28.92
CA ASP A 142 17.58 13.48 30.36
C ASP A 142 16.33 13.82 31.16
N ASP A 143 15.41 14.63 30.62
CA ASP A 143 14.26 15.12 31.38
C ASP A 143 13.02 14.21 31.07
N PRO A 144 12.55 13.45 32.05
CA PRO A 144 11.42 12.54 31.82
C PRO A 144 10.14 13.25 31.37
N GLU A 145 9.89 14.46 31.88
CA GLU A 145 8.70 15.18 31.50
C GLU A 145 8.75 15.63 30.03
N LEU A 146 9.93 16.10 29.58
CA LEU A 146 10.14 16.44 28.17
C LEU A 146 9.86 15.24 27.28
N LEU A 147 10.34 14.06 27.69
CA LEU A 147 10.04 12.83 27.00
C LEU A 147 8.53 12.59 26.88
N GLU A 148 7.83 12.69 27.98
CA GLU A 148 6.39 12.55 27.95
C GLU A 148 5.72 13.59 27.06
N LEU A 149 6.24 14.81 26.98
CA LEU A 149 5.62 15.86 26.20
C LEU A 149 5.81 15.51 24.71
N VAL A 150 6.96 14.94 24.34
CA VAL A 150 7.16 14.56 22.93
C VAL A 150 6.19 13.44 22.59
N GLU A 151 6.05 12.52 23.51
CA GLU A 151 5.16 11.41 23.26
C GLU A 151 3.73 11.88 23.04
N MET A 152 3.30 12.82 23.88
CA MET A 152 1.94 13.38 23.81
C MET A 152 1.77 14.06 22.45
N GLU A 153 2.77 14.83 22.04
CA GLU A 153 2.82 15.40 20.70
C GLU A 153 2.64 14.38 19.57
N VAL A 154 3.35 13.25 19.63
CA VAL A 154 3.25 12.24 18.60
C VAL A 154 1.85 11.67 18.60
N ARG A 155 1.30 11.39 19.79
CA ARG A 155 -0.07 10.89 19.84
C ARG A 155 -1.09 11.86 19.20
N GLU A 156 -0.99 13.16 19.49
CA GLU A 156 -1.89 14.21 18.91
C GLU A 156 -1.74 14.22 17.36
N LEU A 157 -0.51 14.22 16.88
CA LEU A 157 -0.28 14.18 15.44
C LEU A 157 -0.91 12.94 14.79
N LEU A 158 -0.77 11.76 15.40
CA LEU A 158 -1.32 10.51 14.86
C LEU A 158 -2.81 10.61 14.80
N SER A 159 -3.40 11.07 15.89
CA SER A 159 -4.88 11.29 15.95
C SER A 159 -5.38 12.33 14.96
N SER A 160 -4.61 13.37 14.74
CA SER A 160 -4.98 14.35 13.72
C SER A 160 -5.07 13.77 12.32
N TYR A 161 -4.56 12.54 12.06
CA TYR A 161 -4.66 11.87 10.74
C TYR A 161 -5.52 10.64 10.89
N ASP A 162 -6.33 10.64 11.94
CA ASP A 162 -7.26 9.57 12.30
C ASP A 162 -6.71 8.22 12.64
N PHE A 163 -5.46 8.13 13.02
CA PHE A 163 -4.94 6.93 13.59
C PHE A 163 -5.33 7.00 15.07
N PRO A 164 -5.43 5.86 15.74
CA PRO A 164 -5.86 5.89 17.18
C PRO A 164 -4.67 6.22 18.11
N GLY A 165 -4.36 7.49 18.19
CA GLY A 165 -3.23 7.99 18.93
C GLY A 165 -3.14 7.58 20.40
N ASP A 166 -4.30 7.50 21.07
CA ASP A 166 -4.35 7.06 22.46
C ASP A 166 -4.03 5.56 22.63
N ASP A 167 -4.26 4.75 21.62
CA ASP A 167 -4.05 3.32 21.76
C ASP A 167 -2.72 2.83 21.17
N ILE A 168 -2.05 3.68 20.39
CA ILE A 168 -0.86 3.20 19.65
C ILE A 168 0.29 2.91 20.63
N PRO A 169 0.90 1.74 20.55
CA PRO A 169 2.04 1.53 21.42
C PRO A 169 3.23 2.47 21.09
N ILE A 170 3.78 3.13 22.08
CA ILE A 170 4.97 4.00 21.91
C ILE A 170 6.05 3.47 22.79
N ILE A 171 7.12 2.96 22.18
CA ILE A 171 8.27 2.45 22.94
C ILE A 171 9.37 3.50 22.93
N LYS A 172 9.99 3.79 24.08
CA LYS A 172 11.05 4.79 24.22
C LYS A 172 12.37 4.10 24.32
N GLY A 173 13.38 4.56 23.55
CA GLY A 173 14.67 3.88 23.63
C GLY A 173 15.68 4.53 22.79
N SER A 174 16.83 3.89 22.81
CA SER A 174 17.98 4.27 22.04
C SER A 174 18.40 3.08 21.15
N ALA A 175 18.09 3.19 19.87
CA ALA A 175 18.51 2.18 18.90
C ALA A 175 20.02 2.11 18.84
N LEU A 176 20.71 3.25 18.97
CA LEU A 176 22.16 3.24 18.95
C LEU A 176 22.78 2.50 20.12
N LYS A 177 22.27 2.70 21.32
CA LYS A 177 22.75 1.98 22.44
C LYS A 177 22.47 0.51 22.30
N ALA A 178 21.37 0.16 21.66
CA ALA A 178 21.08 -1.28 21.44
C ALA A 178 22.09 -1.88 20.55
N LEU A 179 22.46 -1.16 19.51
CA LEU A 179 23.55 -1.63 18.63
C LEU A 179 24.92 -1.83 19.30
N GLU A 180 25.19 -1.02 20.31
CA GLU A 180 26.40 -1.13 21.09
C GLU A 180 26.27 -2.23 22.19
N GLY A 181 25.14 -2.97 22.19
CA GLY A 181 24.89 -4.08 23.13
C GLY A 181 24.50 -3.65 24.52
N ASP A 182 24.19 -2.38 24.74
CA ASP A 182 23.56 -1.89 26.02
C ASP A 182 22.27 -2.67 26.29
N GLU A 183 22.17 -3.21 27.50
CA GLU A 183 21.05 -4.02 27.87
C GLU A 183 19.77 -3.27 27.92
N ILE A 184 19.79 -2.01 28.31
CA ILE A 184 18.56 -1.25 28.37
C ILE A 184 18.08 -0.92 26.95
N GLY A 185 19.04 -0.63 26.06
CA GLY A 185 18.79 -0.53 24.64
C GLY A 185 18.13 -1.77 24.08
N GLU A 186 18.70 -2.93 24.35
CA GLU A 186 18.18 -4.14 23.82
C GLU A 186 16.79 -4.41 24.34
N GLU A 187 16.53 -4.11 25.59
CA GLU A 187 15.18 -4.37 26.15
C GLU A 187 14.12 -3.54 25.43
N ALA A 188 14.47 -2.32 25.06
CA ALA A 188 13.54 -1.49 24.30
C ALA A 188 13.20 -2.10 22.95
N ILE A 189 14.22 -2.59 22.22
CA ILE A 189 13.98 -3.30 20.96
C ILE A 189 13.06 -4.51 21.16
N LEU A 190 13.29 -5.30 22.22
CA LEU A 190 12.36 -6.40 22.54
C LEU A 190 10.96 -5.92 22.91
N LYS A 191 10.82 -4.82 23.67
CA LYS A 191 9.45 -4.25 23.96
C LYS A 191 8.81 -3.79 22.65
N LEU A 192 9.62 -3.18 21.76
CA LEU A 192 9.08 -2.77 20.45
C LEU A 192 8.53 -3.97 19.67
N MET A 193 9.30 -5.04 19.64
CA MET A 193 8.91 -6.21 18.89
C MET A 193 7.74 -6.97 19.52
N ASP A 194 7.65 -7.04 20.84
CA ASP A 194 6.38 -7.46 21.51
C ASP A 194 5.19 -6.62 21.15
N ALA A 195 5.36 -5.31 21.07
CA ALA A 195 4.21 -4.44 20.68
C ALA A 195 3.81 -4.67 19.21
N VAL A 196 4.78 -4.90 18.36
CA VAL A 196 4.51 -5.19 16.97
C VAL A 196 3.78 -6.51 16.87
N ASP A 197 4.26 -7.51 17.60
CA ASP A 197 3.61 -8.83 17.65
C ASP A 197 2.16 -8.74 18.10
N SER A 198 1.84 -7.91 19.07
CA SER A 198 0.50 -7.94 19.61
C SER A 198 -0.41 -6.90 19.01
N TYR A 199 0.09 -5.78 18.48
CA TYR A 199 -0.78 -4.72 18.03
C TYR A 199 -1.13 -4.71 16.52
N ILE A 200 -0.17 -5.16 15.69
CA ILE A 200 -0.29 -5.17 14.22
C ILE A 200 -0.83 -6.54 13.85
N PRO A 201 -2.09 -6.63 13.45
CA PRO A 201 -2.62 -7.95 13.16
C PRO A 201 -2.07 -8.45 11.82
N GLU A 202 -2.04 -9.75 11.69
CA GLU A 202 -1.68 -10.35 10.42
C GLU A 202 -2.82 -9.99 9.43
N PRO A 203 -2.48 -9.64 8.20
CA PRO A 203 -3.47 -9.22 7.23
C PRO A 203 -4.41 -10.39 6.81
N GLU A 204 -5.53 -10.03 6.24
CA GLU A 204 -6.51 -11.02 5.79
C GLU A 204 -5.88 -11.74 4.58
N ARG A 205 -5.94 -13.05 4.55
CA ARG A 205 -5.57 -13.77 3.34
C ARG A 205 -6.42 -13.31 2.11
N ALA A 206 -5.77 -13.23 0.96
CA ALA A 206 -6.40 -12.79 -0.26
C ALA A 206 -7.60 -13.75 -0.55
N ILE A 207 -7.39 -15.04 -0.33
CA ILE A 207 -8.40 -16.06 -0.53
C ILE A 207 -9.66 -15.88 0.32
N ASP A 208 -9.57 -15.19 1.46
CA ASP A 208 -10.74 -15.00 2.31
C ASP A 208 -11.51 -13.78 1.97
N LYS A 209 -10.98 -12.91 1.11
CA LYS A 209 -11.70 -11.68 0.80
C LYS A 209 -12.81 -11.97 -0.21
N PRO A 210 -13.74 -11.03 -0.39
CA PRO A 210 -14.75 -11.21 -1.42
C PRO A 210 -14.15 -11.31 -2.83
N PHE A 211 -14.70 -12.24 -3.58
CA PHE A 211 -14.23 -12.52 -4.92
C PHE A 211 -14.15 -11.26 -5.81
N LEU A 212 -13.06 -11.16 -6.53
CA LEU A 212 -12.89 -10.07 -7.45
C LEU A 212 -11.96 -10.55 -8.51
N MET A 213 -12.33 -10.29 -9.76
CA MET A 213 -11.56 -10.66 -10.95
C MET A 213 -11.69 -9.59 -12.03
N PRO A 214 -10.60 -8.84 -12.29
CA PRO A 214 -10.64 -7.88 -13.41
C PRO A 214 -10.72 -8.60 -14.74
N ILE A 215 -11.59 -8.14 -15.61
CA ILE A 215 -11.76 -8.78 -16.91
C ILE A 215 -10.71 -8.21 -17.89
N GLU A 216 -9.93 -9.09 -18.44
CA GLU A 216 -8.90 -8.77 -19.43
C GLU A 216 -9.39 -8.97 -20.84
N ASP A 217 -10.08 -10.06 -21.09
CA ASP A 217 -10.60 -10.33 -22.43
C ASP A 217 -11.97 -10.97 -22.31
N VAL A 218 -12.73 -10.83 -23.38
CA VAL A 218 -14.12 -11.40 -23.44
C VAL A 218 -14.22 -12.23 -24.73
N PHE A 219 -14.91 -13.34 -24.72
CA PHE A 219 -15.01 -14.19 -25.89
C PHE A 219 -16.45 -14.66 -26.01
N SER A 220 -16.87 -14.84 -27.25
CA SER A 220 -18.17 -15.42 -27.55
C SER A 220 -17.85 -16.62 -28.41
N ILE A 221 -18.06 -17.79 -27.88
CA ILE A 221 -17.60 -19.02 -28.54
C ILE A 221 -18.84 -19.87 -28.91
N SER A 222 -18.92 -20.29 -30.17
CA SER A 222 -20.05 -21.11 -30.73
C SER A 222 -20.32 -22.30 -29.80
N GLY A 223 -21.53 -22.39 -29.28
CA GLY A 223 -21.92 -23.52 -28.44
C GLY A 223 -21.36 -23.46 -27.05
N ARG A 224 -20.90 -22.29 -26.61
CA ARG A 224 -20.43 -22.08 -25.22
C ARG A 224 -20.99 -20.82 -24.58
N GLY A 225 -21.15 -19.75 -25.36
CA GLY A 225 -21.64 -18.51 -24.82
C GLY A 225 -20.47 -17.60 -24.52
N THR A 226 -20.71 -16.70 -23.58
CA THR A 226 -19.73 -15.69 -23.18
C THR A 226 -18.70 -16.15 -22.11
N VAL A 227 -17.41 -16.00 -22.45
CA VAL A 227 -16.30 -16.35 -21.55
C VAL A 227 -15.48 -15.10 -21.24
N VAL A 228 -15.15 -14.86 -19.98
CA VAL A 228 -14.21 -13.75 -19.66
C VAL A 228 -12.93 -14.33 -19.10
N THR A 229 -11.77 -13.74 -19.44
CA THR A 229 -10.52 -14.15 -18.89
C THR A 229 -9.91 -13.08 -17.98
N GLY A 230 -9.16 -13.56 -16.99
CA GLY A 230 -8.35 -12.71 -16.20
C GLY A 230 -7.78 -13.49 -15.03
N ARG A 231 -7.19 -12.75 -14.13
CA ARG A 231 -6.60 -13.27 -12.92
C ARG A 231 -7.51 -12.97 -11.75
N VAL A 232 -7.80 -13.99 -10.96
CA VAL A 232 -8.59 -13.75 -9.76
C VAL A 232 -7.70 -12.96 -8.78
N GLU A 233 -8.08 -11.72 -8.46
CA GLU A 233 -7.30 -10.88 -7.57
C GLU A 233 -7.43 -11.36 -6.09
N ARG A 234 -8.59 -11.85 -5.71
CA ARG A 234 -8.89 -12.22 -4.35
C ARG A 234 -10.16 -13.04 -4.30
N GLY A 235 -10.28 -13.87 -3.26
CA GLY A 235 -11.46 -14.67 -3.08
C GLY A 235 -11.47 -15.86 -3.98
N ILE A 236 -12.67 -16.40 -4.14
CA ILE A 236 -12.90 -17.64 -4.81
C ILE A 236 -14.22 -17.58 -5.57
N VAL A 237 -14.19 -17.97 -6.82
CA VAL A 237 -15.40 -18.09 -7.57
C VAL A 237 -15.61 -19.59 -7.85
N LYS A 238 -16.82 -20.07 -7.61
CA LYS A 238 -17.17 -21.46 -7.73
C LYS A 238 -18.21 -21.62 -8.84
N VAL A 239 -18.10 -22.69 -9.63
CA VAL A 239 -19.14 -22.96 -10.63
C VAL A 239 -20.49 -22.99 -9.89
N GLY A 240 -21.54 -22.39 -10.46
CA GLY A 240 -22.88 -22.35 -9.80
C GLY A 240 -23.21 -21.16 -8.95
N GLU A 241 -22.23 -20.33 -8.61
CA GLU A 241 -22.48 -19.14 -7.79
C GLU A 241 -22.70 -17.95 -8.66
N GLU A 242 -23.40 -16.97 -8.09
CA GLU A 242 -23.65 -15.69 -8.75
C GLU A 242 -22.46 -14.72 -8.64
N VAL A 243 -22.28 -13.91 -9.66
CA VAL A 243 -21.22 -12.92 -9.73
C VAL A 243 -21.88 -11.72 -10.33
N GLU A 244 -21.40 -10.57 -9.89
CA GLU A 244 -21.76 -9.29 -10.51
C GLU A 244 -20.68 -8.85 -11.50
N ILE A 245 -21.14 -8.14 -12.50
CA ILE A 245 -20.30 -7.57 -13.51
C ILE A 245 -20.37 -6.09 -13.25
N VAL A 246 -19.25 -5.52 -12.77
CA VAL A 246 -19.25 -4.15 -12.24
C VAL A 246 -18.27 -3.26 -12.98
N GLY A 247 -18.73 -2.03 -13.25
CA GLY A 247 -17.99 -0.99 -13.92
C GLY A 247 -18.55 -0.70 -15.31
N ILE A 248 -18.29 0.51 -15.76
CA ILE A 248 -18.51 0.99 -17.13
C ILE A 248 -19.99 1.13 -17.43
N ARG A 249 -20.81 0.12 -17.15
CA ARG A 249 -22.23 0.22 -17.45
C ARG A 249 -22.92 -0.27 -16.23
N ASP A 250 -24.24 -0.31 -16.26
CA ASP A 250 -25.00 -0.77 -15.11
C ASP A 250 -24.55 -2.15 -14.72
N THR A 251 -24.50 -2.37 -13.41
CA THR A 251 -24.15 -3.61 -12.83
C THR A 251 -25.10 -4.70 -13.31
N GLN A 252 -24.58 -5.90 -13.56
CA GLN A 252 -25.39 -7.06 -14.01
C GLN A 252 -25.01 -8.18 -13.12
N LYS A 253 -25.92 -9.14 -12.97
CA LYS A 253 -25.74 -10.29 -12.11
C LYS A 253 -26.04 -11.55 -12.92
N THR A 254 -25.21 -12.58 -12.75
CA THR A 254 -25.38 -13.83 -13.45
C THR A 254 -24.72 -14.94 -12.64
N THR A 255 -24.63 -16.08 -13.24
CA THR A 255 -24.14 -17.28 -12.63
C THR A 255 -22.90 -17.74 -13.37
N CYS A 256 -21.88 -18.08 -12.61
CA CYS A 256 -20.69 -18.74 -13.12
C CYS A 256 -21.04 -20.19 -13.45
N THR A 257 -20.92 -20.60 -14.72
CA THR A 257 -21.24 -21.98 -15.18
C THR A 257 -19.97 -22.74 -15.53
N GLY A 258 -18.81 -22.11 -15.36
CA GLY A 258 -17.57 -22.74 -15.67
C GLY A 258 -16.38 -21.89 -15.29
N VAL A 259 -15.33 -22.59 -14.89
CA VAL A 259 -14.00 -22.00 -14.69
C VAL A 259 -12.99 -22.91 -15.35
N GLU A 260 -12.01 -22.35 -16.05
CA GLU A 260 -11.05 -23.16 -16.77
C GLU A 260 -9.73 -22.54 -17.02
N MET A 261 -8.75 -23.42 -17.25
CA MET A 261 -7.41 -23.06 -17.76
C MET A 261 -7.17 -23.92 -18.96
N PHE A 262 -6.06 -23.69 -19.65
CA PHE A 262 -5.73 -24.51 -20.81
C PHE A 262 -5.78 -26.00 -20.43
N ARG A 263 -6.62 -26.72 -21.15
CA ARG A 263 -6.87 -28.16 -20.96
C ARG A 263 -7.19 -28.56 -19.52
N LYS A 264 -7.78 -27.68 -18.73
CA LYS A 264 -8.16 -28.05 -17.38
C LYS A 264 -9.48 -27.39 -17.04
N LEU A 265 -10.53 -28.21 -16.88
CA LEU A 265 -11.81 -27.75 -16.26
C LEU A 265 -11.68 -27.67 -14.77
N LEU A 266 -12.21 -26.61 -14.16
CA LEU A 266 -12.12 -26.45 -12.73
C LEU A 266 -13.50 -26.25 -12.16
N ASP A 267 -13.64 -26.58 -10.89
CA ASP A 267 -14.85 -26.31 -10.11
C ASP A 267 -14.82 -24.91 -9.52
N GLN A 268 -13.63 -24.35 -9.41
CA GLN A 268 -13.50 -23.02 -8.87
C GLN A 268 -12.16 -22.40 -9.25
N GLY A 269 -12.13 -21.08 -9.11
CA GLY A 269 -10.92 -20.26 -9.28
C GLY A 269 -10.70 -19.42 -8.05
N GLN A 270 -9.47 -19.44 -7.59
CA GLN A 270 -9.08 -18.73 -6.41
C GLN A 270 -8.04 -17.66 -6.69
N ALA A 271 -7.89 -16.76 -5.74
CA ALA A 271 -6.86 -15.73 -5.77
C ALA A 271 -5.57 -16.23 -6.37
N GLY A 272 -5.06 -15.52 -7.39
CA GLY A 272 -3.84 -15.88 -8.10
C GLY A 272 -4.04 -16.67 -9.39
N ASP A 273 -5.20 -17.30 -9.55
CA ASP A 273 -5.46 -18.14 -10.72
C ASP A 273 -5.77 -17.28 -11.96
N ASN A 274 -5.16 -17.62 -13.10
CA ASN A 274 -5.50 -17.05 -14.40
C ASN A 274 -6.40 -18.01 -15.09
N VAL A 275 -7.65 -17.60 -15.24
CA VAL A 275 -8.74 -18.46 -15.68
C VAL A 275 -9.66 -17.83 -16.68
N GLY A 276 -10.36 -18.68 -17.43
CA GLY A 276 -11.53 -18.24 -18.13
C GLY A 276 -12.75 -18.60 -17.30
N VAL A 277 -13.70 -17.66 -17.22
CA VAL A 277 -14.96 -17.81 -16.45
C VAL A 277 -16.15 -17.70 -17.40
N LEU A 278 -16.95 -18.79 -17.47
CA LEU A 278 -18.15 -18.83 -18.33
C LEU A 278 -19.32 -18.17 -17.59
N LEU A 279 -20.01 -17.23 -18.27
CA LEU A 279 -21.13 -16.44 -17.69
C LEU A 279 -22.44 -16.87 -18.37
N ARG A 280 -23.36 -17.36 -17.58
CA ARG A 280 -24.65 -17.87 -18.07
C ARG A 280 -25.51 -16.75 -18.57
N GLY A 281 -25.99 -16.90 -19.77
CA GLY A 281 -26.90 -15.89 -20.34
C GLY A 281 -26.31 -14.56 -20.78
N THR A 282 -25.06 -14.27 -20.44
CA THR A 282 -24.51 -12.93 -20.65
C THR A 282 -24.08 -12.78 -22.10
N LYS A 283 -24.52 -11.67 -22.71
CA LYS A 283 -24.20 -11.34 -24.12
C LYS A 283 -22.79 -10.71 -24.20
N ARG A 284 -22.00 -11.11 -25.21
CA ARG A 284 -20.66 -10.59 -25.33
C ARG A 284 -20.64 -9.07 -25.33
N GLU A 285 -21.65 -8.49 -25.92
CA GLU A 285 -21.63 -7.04 -26.11
C GLU A 285 -21.90 -6.32 -24.81
N ASP A 286 -22.39 -7.00 -23.77
CA ASP A 286 -22.60 -6.39 -22.44
C ASP A 286 -21.41 -6.52 -21.47
N VAL A 287 -20.30 -7.10 -21.95
CA VAL A 287 -19.14 -7.30 -21.11
C VAL A 287 -17.99 -6.71 -21.81
N GLU A 288 -17.15 -5.98 -21.09
CA GLU A 288 -15.93 -5.55 -21.66
C GLU A 288 -14.74 -5.42 -20.68
N ARG A 289 -13.56 -5.41 -21.28
CA ARG A 289 -12.31 -5.19 -20.58
C ARG A 289 -12.44 -3.94 -19.71
N GLY A 290 -12.01 -4.02 -18.47
CA GLY A 290 -12.12 -2.86 -17.58
C GLY A 290 -13.24 -3.00 -16.55
N GLN A 291 -14.24 -3.85 -16.84
CA GLN A 291 -15.15 -4.29 -15.83
C GLN A 291 -14.47 -5.35 -14.92
N VAL A 292 -15.13 -5.64 -13.81
CA VAL A 292 -14.66 -6.71 -12.93
C VAL A 292 -15.81 -7.69 -12.73
N LEU A 293 -15.48 -8.95 -12.44
CA LEU A 293 -16.44 -9.87 -11.80
C LEU A 293 -16.19 -9.77 -10.32
N ALA A 294 -17.26 -9.85 -9.54
CA ALA A 294 -17.20 -9.69 -8.11
C ALA A 294 -18.34 -10.47 -7.48
N LYS A 295 -18.10 -10.82 -6.24
CA LYS A 295 -19.14 -11.18 -5.33
C LYS A 295 -20.21 -10.09 -5.29
N PRO A 296 -21.46 -10.46 -5.58
CA PRO A 296 -22.60 -9.50 -5.50
C PRO A 296 -22.63 -8.63 -4.24
N GLY A 297 -22.84 -7.33 -4.40
CA GLY A 297 -22.80 -6.45 -3.26
C GLY A 297 -21.43 -6.03 -2.78
N SER A 298 -20.35 -6.66 -3.20
CA SER A 298 -19.04 -6.41 -2.54
C SER A 298 -18.25 -5.17 -3.04
N ILE A 299 -18.61 -4.57 -4.15
CA ILE A 299 -17.85 -3.43 -4.68
C ILE A 299 -18.82 -2.72 -5.61
N LYS A 300 -18.74 -1.41 -5.60
CA LYS A 300 -19.63 -0.59 -6.38
C LYS A 300 -18.93 0.19 -7.48
N PRO A 301 -19.67 0.58 -8.55
CA PRO A 301 -19.07 1.45 -9.57
C PRO A 301 -19.06 2.94 -9.11
N HIS A 302 -18.00 3.69 -9.35
CA HIS A 302 -18.00 5.11 -8.97
C HIS A 302 -17.26 5.86 -10.03
N THR A 303 -17.56 7.14 -10.15
CA THR A 303 -16.83 8.06 -11.02
C THR A 303 -15.97 9.04 -10.31
N LYS A 304 -16.20 9.20 -9.02
CA LYS A 304 -15.64 10.31 -8.31
C LYS A 304 -14.96 9.89 -7.05
N PHE A 305 -13.70 10.34 -6.89
CA PHE A 305 -12.83 9.87 -5.79
C PHE A 305 -11.70 10.84 -5.50
N GLU A 306 -11.13 10.66 -4.34
CA GLU A 306 -9.84 11.31 -4.00
C GLU A 306 -8.77 10.25 -4.08
N ALA A 307 -7.59 10.70 -4.43
CA ALA A 307 -6.43 9.85 -4.52
C ALA A 307 -5.18 10.57 -4.11
N GLU A 308 -4.24 9.80 -3.57
CA GLU A 308 -2.91 10.27 -3.34
C GLU A 308 -2.17 9.84 -4.57
N VAL A 309 -1.48 10.79 -5.20
CA VAL A 309 -0.76 10.48 -6.41
C VAL A 309 0.66 10.93 -6.38
N TYR A 310 1.49 10.19 -7.08
CA TYR A 310 2.92 10.52 -7.27
C TYR A 310 3.08 10.82 -8.75
N ILE A 311 3.63 11.99 -9.07
CA ILE A 311 3.74 12.36 -10.47
C ILE A 311 5.17 12.12 -10.86
N LEU A 312 5.38 11.34 -11.92
CA LEU A 312 6.74 10.98 -12.30
C LEU A 312 7.53 12.18 -12.72
N THR A 313 8.85 12.06 -12.60
CA THR A 313 9.75 13.13 -13.07
C THR A 313 10.06 12.88 -14.54
N LYS A 314 10.64 13.88 -15.19
CA LYS A 314 11.11 13.77 -16.62
C LYS A 314 11.94 12.48 -16.78
N GLU A 315 12.84 12.26 -15.84
CA GLU A 315 13.83 11.12 -15.92
C GLU A 315 13.15 9.81 -15.79
N GLU A 316 12.04 9.76 -15.09
CA GLU A 316 11.24 8.54 -15.03
C GLU A 316 10.32 8.24 -16.20
N GLY A 317 10.27 9.11 -17.20
CA GLY A 317 9.45 8.88 -18.39
C GLY A 317 8.21 9.74 -18.38
N GLY A 318 8.10 10.64 -17.40
CA GLY A 318 6.92 11.43 -17.07
C GLY A 318 6.90 12.76 -17.78
N ARG A 319 6.09 13.65 -17.28
CA ARG A 319 6.07 15.01 -17.76
C ARG A 319 7.33 15.79 -17.37
N HIS A 320 7.52 16.92 -18.02
CA HIS A 320 8.61 17.88 -17.67
C HIS A 320 8.09 19.26 -17.36
N THR A 321 6.78 19.37 -17.18
CA THR A 321 6.10 20.61 -16.87
C THR A 321 4.98 20.31 -15.91
N PRO A 322 4.60 21.30 -15.12
CA PRO A 322 3.52 21.10 -14.18
C PRO A 322 2.14 20.91 -14.82
N PHE A 323 1.17 20.32 -14.10
CA PHE A 323 -0.23 20.45 -14.53
C PHE A 323 -0.98 21.25 -13.55
N PHE A 324 -2.14 21.69 -13.99
CA PHE A 324 -2.98 22.62 -13.26
C PHE A 324 -4.36 22.07 -13.04
N ASN A 325 -5.17 22.83 -12.32
CA ASN A 325 -6.56 22.45 -12.11
C ASN A 325 -7.26 22.10 -13.47
N ASN A 326 -8.15 21.11 -13.47
CA ASN A 326 -8.86 20.67 -14.70
C ASN A 326 -8.06 19.93 -15.71
N TYR A 327 -6.81 19.62 -15.45
CA TYR A 327 -6.09 18.64 -16.20
C TYR A 327 -6.94 17.38 -16.46
N ARG A 328 -6.87 16.85 -17.67
CA ARG A 328 -7.83 15.81 -18.11
C ARG A 328 -7.06 14.69 -18.78
N PRO A 329 -6.38 13.85 -17.99
CA PRO A 329 -5.65 12.69 -18.51
C PRO A 329 -6.53 11.46 -18.50
N GLN A 330 -5.92 10.33 -18.80
CA GLN A 330 -6.48 9.03 -18.57
C GLN A 330 -6.07 8.42 -17.23
N PHE A 331 -6.97 7.65 -16.63
CA PHE A 331 -6.74 6.85 -15.42
C PHE A 331 -6.86 5.41 -15.80
N TYR A 332 -5.73 4.69 -15.69
CA TYR A 332 -5.66 3.29 -16.07
C TYR A 332 -5.97 2.53 -14.82
N PHE A 333 -7.15 1.94 -14.80
CA PHE A 333 -7.61 1.17 -13.68
C PHE A 333 -7.66 -0.32 -14.09
N ARG A 334 -6.71 -1.09 -13.58
CA ARG A 334 -6.58 -2.57 -13.72
C ARG A 334 -6.20 -2.96 -15.13
N THR A 335 -7.04 -2.65 -16.11
CA THR A 335 -6.83 -3.08 -17.47
C THR A 335 -7.16 -2.03 -18.54
N THR A 336 -7.63 -0.85 -18.18
CA THR A 336 -8.16 0.06 -19.17
C THR A 336 -8.09 1.50 -18.72
N ASP A 337 -7.98 2.39 -19.70
CA ASP A 337 -7.99 3.83 -19.52
C ASP A 337 -9.40 4.36 -19.46
N VAL A 338 -9.65 5.27 -18.53
CA VAL A 338 -10.85 6.10 -18.49
C VAL A 338 -10.38 7.50 -18.30
N THR A 339 -10.86 8.41 -19.14
CA THR A 339 -10.61 9.80 -18.96
C THR A 339 -11.27 10.36 -17.72
N GLY A 340 -10.59 11.32 -17.11
CA GLY A 340 -11.12 11.97 -15.93
C GLY A 340 -10.56 13.37 -15.82
N VAL A 341 -11.25 14.21 -15.03
CA VAL A 341 -10.83 15.55 -14.75
C VAL A 341 -10.35 15.64 -13.33
N VAL A 342 -9.18 16.24 -13.20
CA VAL A 342 -8.48 16.46 -11.93
C VAL A 342 -8.79 17.85 -11.31
N THR A 343 -9.15 17.84 -10.02
CA THR A 343 -9.32 19.07 -9.23
C THR A 343 -8.27 19.02 -8.16
N LEU A 344 -7.56 20.13 -8.02
CA LEU A 344 -6.46 20.23 -7.06
C LEU A 344 -6.95 20.68 -5.69
N PRO A 345 -6.25 20.33 -4.63
CA PRO A 345 -6.79 20.84 -3.33
C PRO A 345 -6.64 22.36 -3.20
N GLU A 346 -7.49 22.97 -2.37
CA GLU A 346 -7.37 24.38 -1.99
C GLU A 346 -5.93 24.69 -1.58
N GLY A 347 -5.34 25.75 -2.12
CA GLY A 347 -3.96 26.09 -1.76
C GLY A 347 -2.94 25.49 -2.71
N VAL A 348 -3.35 24.60 -3.66
CA VAL A 348 -2.40 24.05 -4.63
C VAL A 348 -2.81 24.55 -6.02
N GLU A 349 -1.94 25.34 -6.63
CA GLU A 349 -2.12 25.94 -7.92
C GLU A 349 -1.60 25.01 -9.01
N MET A 350 -0.53 24.27 -8.73
CA MET A 350 0.10 23.43 -9.76
C MET A 350 0.80 22.26 -9.13
N VAL A 351 0.97 21.22 -9.94
CA VAL A 351 1.61 19.99 -9.48
C VAL A 351 2.78 19.75 -10.41
N MET A 352 3.99 19.76 -9.86
CA MET A 352 5.21 19.60 -10.62
C MET A 352 5.53 18.12 -10.81
N PRO A 353 6.28 17.78 -11.84
CA PRO A 353 6.81 16.41 -11.89
C PRO A 353 7.64 16.07 -10.64
N GLY A 354 7.50 14.88 -10.09
CA GLY A 354 8.11 14.49 -8.84
C GLY A 354 7.31 14.82 -7.59
N ASP A 355 6.22 15.58 -7.67
CA ASP A 355 5.40 15.90 -6.51
C ASP A 355 4.51 14.69 -6.18
N ASN A 356 4.07 14.66 -4.92
CA ASN A 356 2.94 13.82 -4.53
C ASN A 356 1.89 14.73 -3.94
N VAL A 357 0.63 14.46 -4.20
CA VAL A 357 -0.45 15.34 -3.75
C VAL A 357 -1.74 14.51 -3.68
N THR A 358 -2.72 15.00 -2.96
CA THR A 358 -4.06 14.47 -2.97
C THR A 358 -4.88 15.27 -4.00
N ILE A 359 -5.56 14.57 -4.88
CA ILE A 359 -6.38 15.17 -5.92
C ILE A 359 -7.75 14.53 -5.83
N THR A 360 -8.66 15.23 -6.46
CA THR A 360 -9.97 14.77 -6.68
C THR A 360 -10.05 14.52 -8.17
N VAL A 361 -10.66 13.38 -8.53
CA VAL A 361 -10.86 13.00 -9.90
C VAL A 361 -12.33 12.69 -10.19
N GLU A 362 -12.83 13.19 -11.32
CA GLU A 362 -14.13 12.74 -11.86
C GLU A 362 -13.98 12.10 -13.22
N LEU A 363 -14.22 10.78 -13.27
CA LEU A 363 -14.09 10.00 -14.47
C LEU A 363 -15.31 10.17 -15.35
N ILE A 364 -15.15 9.92 -16.63
CA ILE A 364 -16.26 10.02 -17.58
C ILE A 364 -17.15 8.78 -17.62
N ALA A 365 -16.72 7.69 -16.99
CA ALA A 365 -17.48 6.44 -16.92
C ALA A 365 -17.09 5.78 -15.58
N PRO A 366 -18.01 5.03 -14.97
CA PRO A 366 -17.71 4.45 -13.68
C PRO A 366 -16.82 3.23 -13.74
N ILE A 367 -16.06 3.05 -12.69
CA ILE A 367 -15.21 1.93 -12.48
C ILE A 367 -15.54 1.32 -11.12
N ALA A 368 -15.51 -0.02 -11.03
CA ALA A 368 -15.65 -0.68 -9.76
C ALA A 368 -14.46 -0.25 -8.91
N MET A 369 -14.72 0.43 -7.81
CA MET A 369 -13.61 0.95 -7.04
C MET A 369 -13.85 0.96 -5.57
N GLU A 370 -12.75 1.03 -4.85
CA GLU A 370 -12.70 1.01 -3.41
C GLU A 370 -11.41 1.69 -2.98
N GLU A 371 -11.37 2.09 -1.74
CA GLU A 371 -10.15 2.65 -1.17
C GLU A 371 -8.99 1.66 -1.29
N GLY A 372 -7.81 2.14 -1.67
CA GLY A 372 -6.71 1.22 -1.79
C GLY A 372 -6.44 0.71 -3.18
N LEU A 373 -7.37 0.89 -4.11
CA LEU A 373 -7.14 0.57 -5.52
C LEU A 373 -6.12 1.50 -6.18
N ARG A 374 -5.10 0.90 -6.81
CA ARG A 374 -4.04 1.65 -7.51
C ARG A 374 -4.40 1.81 -8.95
N PHE A 375 -3.80 2.81 -9.54
CA PHE A 375 -4.06 3.19 -10.93
C PHE A 375 -2.87 3.99 -11.44
N ALA A 376 -2.81 4.17 -12.75
CA ALA A 376 -1.77 4.98 -13.35
C ALA A 376 -2.50 6.12 -13.97
N ILE A 377 -1.84 7.28 -14.00
CA ILE A 377 -2.28 8.39 -14.74
C ILE A 377 -1.48 8.33 -16.06
N ARG A 378 -2.16 8.48 -17.19
CA ARG A 378 -1.55 8.38 -18.52
C ARG A 378 -1.96 9.53 -19.42
N GLU A 379 -1.02 9.94 -20.26
CA GLU A 379 -1.18 10.95 -21.27
C GLU A 379 -0.61 10.36 -22.54
N GLY A 380 -1.43 10.28 -23.56
CA GLY A 380 -1.05 9.67 -24.83
C GLY A 380 -0.52 8.28 -24.72
N GLY A 381 -1.05 7.46 -23.83
CA GLY A 381 -0.50 6.13 -23.66
C GLY A 381 0.82 6.07 -22.86
N ARG A 382 1.27 7.16 -22.25
CA ARG A 382 2.53 7.14 -21.48
C ARG A 382 2.16 7.42 -20.00
N THR A 383 2.74 6.65 -19.09
CA THR A 383 2.48 6.84 -17.69
C THR A 383 3.14 8.12 -17.14
N VAL A 384 2.36 8.96 -16.53
CA VAL A 384 2.87 10.20 -15.96
C VAL A 384 2.61 10.26 -14.44
N GLY A 385 1.90 9.26 -13.92
CA GLY A 385 1.61 9.28 -12.52
C GLY A 385 1.17 7.98 -12.01
N ALA A 386 1.39 7.75 -10.71
CA ALA A 386 0.85 6.54 -10.06
C ALA A 386 -0.02 7.02 -8.89
N GLY A 387 -1.21 6.43 -8.75
CA GLY A 387 -2.08 6.79 -7.64
C GLY A 387 -2.68 5.62 -6.85
N VAL A 388 -3.24 5.97 -5.72
CA VAL A 388 -4.04 5.05 -4.98
C VAL A 388 -5.27 5.85 -4.49
N VAL A 389 -6.42 5.25 -4.69
CA VAL A 389 -7.69 5.82 -4.29
C VAL A 389 -7.69 5.87 -2.78
N SER A 390 -7.92 7.06 -2.24
CA SER A 390 -7.89 7.33 -0.82
C SER A 390 -9.29 7.56 -0.26
N LYS A 391 -10.24 8.02 -1.08
CA LYS A 391 -11.62 8.18 -0.63
C LYS A 391 -12.56 8.15 -1.81
N ILE A 392 -13.67 7.45 -1.67
CA ILE A 392 -14.74 7.45 -2.65
C ILE A 392 -15.68 8.61 -2.31
N ILE A 393 -16.08 9.41 -3.32
CA ILE A 393 -16.97 10.52 -3.13
C ILE A 393 -18.32 10.22 -3.78
N GLU A 394 -19.39 10.08 -2.98
CA GLU A 394 -20.81 10.03 -3.44
C GLU A 394 -21.12 8.70 -4.07
PB GDP B . 17.60 7.52 9.34
O1B GDP B . 17.95 8.69 8.45
O2B GDP B . 16.26 7.73 10.07
O3B GDP B . 17.69 6.16 8.79
O3A GDP B . 18.61 7.77 10.58
PA GDP B . 19.86 6.85 10.95
O1A GDP B . 20.77 6.82 9.76
O2A GDP B . 19.50 5.46 11.48
O5' GDP B . 20.53 7.67 12.07
C5' GDP B . 20.91 9.05 11.88
C4' GDP B . 21.98 9.47 12.86
O4' GDP B . 21.46 9.48 14.21
C3' GDP B . 23.18 8.53 12.86
O3' GDP B . 24.40 9.28 13.14
C2' GDP B . 22.89 7.62 14.05
O2' GDP B . 24.03 6.89 14.58
C1' GDP B . 22.23 8.60 15.02
N9 GDP B . 21.38 7.81 15.94
C8 GDP B . 20.52 6.83 15.63
N7 GDP B . 19.95 6.32 16.73
C5 GDP B . 20.41 7.03 17.76
C6 GDP B . 20.22 7.03 19.21
O6 GDP B . 19.44 6.20 19.76
N1 GDP B . 20.93 7.92 19.92
C2 GDP B . 21.79 8.78 19.37
N2 GDP B . 22.46 9.65 20.15
N3 GDP B . 22.01 8.84 18.03
C4 GDP B . 21.35 8.01 17.23
MG MG C . 18.21 5.47 6.86
#